data_2Z0Y
#
_entry.id   2Z0Y
#
_cell.length_a   53.705
_cell.length_b   78.189
_cell.length_c   53.545
_cell.angle_alpha   90.00
_cell.angle_beta   114.42
_cell.angle_gamma   90.00
#
_symmetry.space_group_name_H-M   'P 1 21 1'
#
loop_
_entity.id
_entity.type
_entity.pdbx_description
1 polymer 'Putative uncharacterized protein TTHA0657'
2 non-polymer S-ADENOSYLMETHIONINE
3 water water
#
_entity_poly.entity_id   1
_entity_poly.type   'polypeptide(L)'
_entity_poly.pdbx_seq_one_letter_code
;(MSE)RPHRAFSPGLTGVLPLRETRHLVEVLRARVGDRFTVFDGEREALAEVVDLGPPLRYRVLEERRPEREVGVEVVLY
VALLKGDKLAEVVRAATELGATRIQPLVTRHSVPKE(MSE)GEGKLRRLRAVALEAAKQSGRVVVPEVLPPIPLKAVPQV
AQGLVAHVGATARVREVLDPEKPLALAVGPEGGFAEEEVALLEARGFTPVSLGRRILRAETAALALLALCTAGEGR
;
_entity_poly.pdbx_strand_id   A,B
#
# COMPACT_ATOMS: atom_id res chain seq x y z
N ARG A 5 2.93 -12.91 -20.04
CA ARG A 5 3.43 -13.42 -18.74
C ARG A 5 2.36 -14.19 -18.00
N ALA A 6 2.71 -15.36 -17.48
CA ALA A 6 1.76 -16.21 -16.75
C ALA A 6 2.11 -16.32 -15.26
N PHE A 7 1.14 -16.76 -14.47
CA PHE A 7 1.32 -16.91 -13.03
C PHE A 7 1.41 -18.37 -12.61
N SER A 8 2.58 -18.76 -12.11
CA SER A 8 2.82 -20.14 -11.66
C SER A 8 3.51 -20.14 -10.30
N PRO A 9 2.73 -20.31 -9.22
CA PRO A 9 3.24 -20.34 -7.84
C PRO A 9 4.38 -21.34 -7.60
N GLY A 10 5.62 -20.84 -7.63
CA GLY A 10 6.77 -21.69 -7.40
C GLY A 10 7.57 -22.01 -8.64
N LEU A 11 7.01 -21.69 -9.81
CA LEU A 11 7.68 -21.96 -11.08
C LEU A 11 8.05 -23.43 -11.12
N THR A 12 7.07 -24.29 -10.83
CA THR A 12 7.29 -25.73 -10.81
C THR A 12 7.01 -26.39 -12.15
N GLY A 13 6.51 -25.62 -13.11
CA GLY A 13 6.21 -26.18 -14.42
C GLY A 13 4.76 -26.55 -14.62
N VAL A 14 3.94 -26.30 -13.61
CA VAL A 14 2.52 -26.62 -13.68
C VAL A 14 1.66 -25.37 -13.48
N LEU A 15 1.23 -24.78 -14.59
CA LEU A 15 0.40 -23.57 -14.55
C LEU A 15 -0.99 -23.89 -14.01
N PRO A 16 -1.40 -23.22 -12.91
CA PRO A 16 -2.73 -23.48 -12.35
C PRO A 16 -3.81 -23.40 -13.42
N LEU A 17 -4.95 -24.04 -13.14
CA LEU A 17 -6.08 -24.06 -14.07
C LEU A 17 -6.30 -22.72 -14.77
N ARG A 18 -6.58 -21.68 -14.01
CA ARG A 18 -6.84 -20.34 -14.55
C ARG A 18 -5.80 -19.90 -15.57
N GLU A 19 -4.52 -20.02 -15.22
CA GLU A 19 -3.44 -19.63 -16.11
C GLU A 19 -3.38 -20.50 -17.36
N THR A 20 -3.57 -21.80 -17.19
CA THR A 20 -3.55 -22.73 -18.32
C THR A 20 -4.62 -22.35 -19.34
N ARG A 21 -5.84 -22.18 -18.86
CA ARG A 21 -6.96 -21.81 -19.71
C ARG A 21 -6.63 -20.58 -20.55
N HIS A 22 -6.69 -19.40 -19.92
CA HIS A 22 -6.41 -18.12 -20.57
C HIS A 22 -5.37 -18.19 -21.68
N LEU A 23 -4.21 -18.79 -21.38
CA LEU A 23 -3.12 -18.91 -22.35
C LEU A 23 -3.48 -19.74 -23.58
N VAL A 24 -4.09 -20.90 -23.36
CA VAL A 24 -4.48 -21.77 -24.46
C VAL A 24 -5.85 -21.37 -25.00
N GLU A 25 -6.78 -21.15 -24.07
CA GLU A 25 -8.14 -20.75 -24.39
C GLU A 25 -8.19 -19.43 -25.15
N VAL A 26 -7.94 -18.34 -24.43
CA VAL A 26 -7.98 -17.00 -25.00
C VAL A 26 -6.80 -16.69 -25.90
N LEU A 27 -5.62 -16.51 -25.30
CA LEU A 27 -4.41 -16.18 -26.05
C LEU A 27 -4.06 -17.21 -27.12
N ARG A 28 -4.71 -18.36 -27.10
CA ARG A 28 -4.45 -19.42 -28.06
C ARG A 28 -2.97 -19.81 -28.06
N ALA A 29 -2.58 -20.66 -27.12
CA ALA A 29 -1.20 -21.11 -27.01
C ALA A 29 -1.02 -22.49 -27.62
N ARG A 30 0.19 -22.76 -28.09
CA ARG A 30 0.52 -24.04 -28.71
C ARG A 30 1.86 -24.56 -28.18
N VAL A 31 2.20 -25.79 -28.55
CA VAL A 31 3.45 -26.40 -28.13
C VAL A 31 4.63 -25.76 -28.85
N GLY A 32 5.54 -25.17 -28.08
CA GLY A 32 6.69 -24.52 -28.66
C GLY A 32 6.77 -23.06 -28.27
N ASP A 33 5.61 -22.42 -28.14
CA ASP A 33 5.53 -21.01 -27.77
C ASP A 33 6.36 -20.73 -26.52
N ARG A 34 7.15 -19.66 -26.57
CA ARG A 34 8.00 -19.28 -25.45
C ARG A 34 7.44 -18.09 -24.68
N PHE A 35 6.88 -18.37 -23.51
CA PHE A 35 6.31 -17.32 -22.66
C PHE A 35 7.06 -17.30 -21.33
N THR A 36 6.71 -16.34 -20.46
CA THR A 36 7.36 -16.22 -19.16
C THR A 36 6.37 -16.50 -18.04
N VAL A 37 6.89 -16.98 -16.91
CA VAL A 37 6.06 -17.28 -15.74
C VAL A 37 6.70 -16.74 -14.47
N PHE A 38 5.87 -16.41 -13.49
CA PHE A 38 6.34 -15.88 -12.21
C PHE A 38 5.37 -16.21 -11.09
N ASP A 39 5.87 -16.24 -9.87
CA ASP A 39 5.03 -16.54 -8.71
C ASP A 39 5.10 -15.38 -7.71
N GLY A 40 5.69 -14.28 -8.14
CA GLY A 40 5.79 -13.12 -7.27
C GLY A 40 7.10 -13.04 -6.53
N GLU A 41 7.79 -14.16 -6.38
CA GLU A 41 9.06 -14.20 -5.68
C GLU A 41 10.22 -14.23 -6.68
N ARG A 42 10.06 -15.02 -7.73
CA ARG A 42 11.10 -15.10 -8.76
C ARG A 42 10.44 -15.17 -10.13
N GLU A 43 11.21 -15.46 -11.17
CA GLU A 43 10.67 -15.51 -12.52
C GLU A 43 11.64 -16.20 -13.50
N ALA A 44 11.11 -16.58 -14.66
CA ALA A 44 11.93 -17.24 -15.68
C ALA A 44 11.17 -17.38 -16.99
N LEU A 45 11.91 -17.64 -18.06
CA LEU A 45 11.33 -17.83 -19.38
C LEU A 45 11.00 -19.30 -19.56
N ALA A 46 10.00 -19.59 -20.39
CA ALA A 46 9.59 -20.98 -20.61
C ALA A 46 9.26 -21.27 -22.07
N GLU A 47 8.85 -22.51 -22.33
CA GLU A 47 8.48 -22.94 -23.67
C GLU A 47 7.38 -23.99 -23.57
N VAL A 48 6.14 -23.54 -23.75
CA VAL A 48 4.97 -24.42 -23.67
C VAL A 48 5.25 -25.83 -24.19
N VAL A 49 5.19 -26.81 -23.29
CA VAL A 49 5.43 -28.20 -23.64
C VAL A 49 4.13 -28.89 -24.02
N ASP A 50 3.34 -29.28 -23.02
CA ASP A 50 2.07 -29.94 -23.28
C ASP A 50 0.94 -28.99 -22.89
N LEU A 51 -0.13 -28.98 -23.68
CA LEU A 51 -1.27 -28.10 -23.41
C LEU A 51 -2.18 -28.62 -22.30
N GLY A 52 -1.89 -29.82 -21.81
CA GLY A 52 -2.71 -30.40 -20.76
C GLY A 52 -4.18 -30.45 -21.15
N PRO A 53 -5.06 -29.79 -20.38
CA PRO A 53 -4.74 -29.01 -19.17
C PRO A 53 -4.50 -29.88 -17.94
N PRO A 54 -3.69 -29.39 -16.98
CA PRO A 54 -3.02 -28.09 -17.01
C PRO A 54 -1.84 -28.05 -17.98
N LEU A 55 -1.56 -26.86 -18.51
CA LEU A 55 -0.46 -26.68 -19.46
C LEU A 55 0.89 -26.83 -18.77
N ARG A 56 1.72 -27.73 -19.30
CA ARG A 56 3.05 -27.97 -18.76
C ARG A 56 4.07 -27.25 -19.64
N TYR A 57 4.88 -26.39 -19.02
CA TYR A 57 5.88 -25.63 -19.77
C TYR A 57 7.31 -26.08 -19.47
N ARG A 58 8.24 -25.55 -20.24
CA ARG A 58 9.66 -25.89 -20.09
C ARG A 58 10.49 -24.63 -19.83
N VAL A 59 10.88 -24.43 -18.57
CA VAL A 59 11.67 -23.28 -18.17
C VAL A 59 12.99 -23.23 -18.93
N LEU A 60 13.18 -22.14 -19.69
CA LEU A 60 14.39 -21.97 -20.48
C LEU A 60 15.49 -21.21 -19.76
N GLU A 61 15.14 -20.08 -19.16
CA GLU A 61 16.12 -19.26 -18.45
C GLU A 61 15.51 -18.41 -17.33
N GLU A 62 16.11 -18.49 -16.15
CA GLU A 62 15.64 -17.74 -14.98
C GLU A 62 15.83 -16.24 -15.20
N ARG A 63 14.74 -15.49 -15.10
CA ARG A 63 14.79 -14.05 -15.28
C ARG A 63 14.84 -13.31 -13.94
N ARG A 64 15.05 -12.00 -14.01
CA ARG A 64 15.11 -11.14 -12.84
C ARG A 64 13.84 -10.29 -12.83
N PRO A 65 12.84 -10.68 -12.04
CA PRO A 65 11.57 -9.96 -11.95
C PRO A 65 11.72 -8.45 -11.84
N GLU A 66 10.90 -7.72 -12.59
CA GLU A 66 10.93 -6.27 -12.54
C GLU A 66 10.47 -5.87 -11.13
N ARG A 67 11.33 -5.19 -10.39
CA ARG A 67 11.01 -4.79 -9.04
C ARG A 67 10.85 -3.28 -8.89
N GLU A 68 11.53 -2.52 -9.73
CA GLU A 68 11.46 -1.08 -9.66
C GLU A 68 10.20 -0.51 -10.31
N VAL A 69 9.83 0.70 -9.88
CA VAL A 69 8.64 1.38 -10.39
C VAL A 69 8.75 1.68 -11.87
N GLY A 70 9.90 2.22 -12.27
CA GLY A 70 10.13 2.56 -13.65
C GLY A 70 10.77 3.94 -13.77
N VAL A 71 10.35 4.85 -12.90
CA VAL A 71 10.88 6.20 -12.87
C VAL A 71 11.49 6.45 -11.50
N GLU A 72 12.24 7.54 -11.37
CA GLU A 72 12.84 7.87 -10.08
C GLU A 72 11.70 8.25 -9.14
N VAL A 73 11.78 7.81 -7.90
CA VAL A 73 10.76 8.14 -6.92
C VAL A 73 11.43 8.71 -5.68
N VAL A 74 11.42 10.04 -5.57
CA VAL A 74 12.03 10.73 -4.45
C VAL A 74 11.00 11.09 -3.39
N LEU A 75 11.30 10.78 -2.14
CA LEU A 75 10.41 11.08 -1.03
C LEU A 75 11.04 12.16 -0.15
N TYR A 76 10.44 13.35 -0.14
CA TYR A 76 10.93 14.45 0.69
C TYR A 76 10.06 14.51 1.93
N VAL A 77 10.53 13.91 3.01
CA VAL A 77 9.76 13.90 4.25
C VAL A 77 10.47 14.69 5.36
N ALA A 78 9.68 15.46 6.10
CA ALA A 78 10.21 16.27 7.18
C ALA A 78 10.71 15.38 8.33
N LEU A 79 11.81 15.80 8.94
CA LEU A 79 12.37 15.05 10.06
C LEU A 79 11.30 14.83 11.11
N LEU A 80 11.13 13.58 11.51
CA LEU A 80 10.13 13.24 12.51
C LEU A 80 10.79 12.96 13.86
N LYS A 81 9.99 13.02 14.92
CA LYS A 81 10.50 12.79 16.26
C LYS A 81 10.72 11.29 16.49
N GLY A 82 11.69 10.96 17.34
CA GLY A 82 11.97 9.57 17.62
C GLY A 82 12.52 8.80 16.43
N ASP A 83 12.06 7.57 16.26
CA ASP A 83 12.51 6.73 15.15
C ASP A 83 11.42 6.51 14.11
N LYS A 84 10.55 7.51 13.94
CA LYS A 84 9.47 7.45 12.98
C LYS A 84 9.98 7.24 11.55
N LEU A 85 11.01 8.00 11.17
CA LEU A 85 11.59 7.89 9.84
C LEU A 85 12.08 6.48 9.55
N ALA A 86 12.26 5.69 10.60
CA ALA A 86 12.72 4.33 10.45
C ALA A 86 11.60 3.50 9.82
N GLU A 87 10.38 3.73 10.27
CA GLU A 87 9.22 3.02 9.74
C GLU A 87 8.88 3.51 8.35
N VAL A 88 9.17 4.79 8.10
CA VAL A 88 8.90 5.40 6.81
C VAL A 88 9.84 4.85 5.76
N VAL A 89 11.14 4.93 6.03
CA VAL A 89 12.15 4.43 5.09
C VAL A 89 11.91 2.97 4.73
N ARG A 90 11.40 2.19 5.68
CA ARG A 90 11.14 0.77 5.43
C ARG A 90 9.99 0.61 4.44
N ALA A 91 8.82 1.13 4.81
CA ALA A 91 7.64 1.04 3.97
C ALA A 91 7.89 1.69 2.60
N ALA A 92 8.56 2.83 2.61
CA ALA A 92 8.86 3.56 1.38
C ALA A 92 9.75 2.74 0.47
N THR A 93 10.68 2.00 1.07
CA THR A 93 11.60 1.17 0.30
C THR A 93 10.85 0.05 -0.41
N GLU A 94 9.91 -0.56 0.28
CA GLU A 94 9.13 -1.64 -0.31
C GLU A 94 8.02 -1.09 -1.20
N LEU A 95 7.81 0.23 -1.15
CA LEU A 95 6.79 0.86 -1.98
C LEU A 95 7.37 1.45 -3.27
N GLY A 96 8.69 1.44 -3.39
CA GLY A 96 9.30 1.95 -4.61
C GLY A 96 10.19 3.17 -4.58
N ALA A 97 10.22 3.89 -3.46
CA ALA A 97 11.07 5.07 -3.37
C ALA A 97 12.49 4.73 -3.76
N THR A 98 13.07 5.44 -4.71
CA THR A 98 14.43 5.17 -5.13
C THR A 98 15.37 6.09 -4.39
N ARG A 99 14.80 7.06 -3.68
CA ARG A 99 15.59 8.01 -2.93
C ARG A 99 14.72 8.70 -1.88
N ILE A 100 15.25 8.77 -0.66
CA ILE A 100 14.56 9.40 0.45
C ILE A 100 15.37 10.61 0.89
N GLN A 101 14.71 11.77 0.99
CA GLN A 101 15.38 13.00 1.39
C GLN A 101 14.73 13.64 2.61
N PRO A 102 15.40 13.54 3.77
CA PRO A 102 14.86 14.13 5.00
C PRO A 102 14.88 15.65 4.83
N LEU A 103 13.83 16.32 5.31
CA LEU A 103 13.76 17.78 5.18
C LEU A 103 13.59 18.47 6.53
N VAL A 104 14.29 19.60 6.68
CA VAL A 104 14.21 20.38 7.91
C VAL A 104 13.15 21.44 7.68
N THR A 105 11.97 21.22 8.23
CA THR A 105 10.88 22.17 8.06
C THR A 105 10.65 22.99 9.33
N ARG A 106 10.09 24.18 9.16
CA ARG A 106 9.82 25.06 10.28
C ARG A 106 9.33 24.30 11.51
N HIS A 107 8.19 23.64 11.38
CA HIS A 107 7.61 22.90 12.50
C HIS A 107 8.16 21.50 12.76
N SER A 108 9.23 21.12 12.08
CA SER A 108 9.83 19.80 12.30
C SER A 108 10.69 19.85 13.55
N VAL A 109 10.19 19.29 14.65
CA VAL A 109 10.91 19.29 15.92
C VAL A 109 12.42 19.14 15.75
N PRO A 110 12.90 17.96 15.32
CA PRO A 110 14.35 17.83 15.14
C PRO A 110 14.80 18.77 14.03
N LYS A 111 15.99 19.34 14.16
CA LYS A 111 16.49 20.27 13.16
C LYS A 111 17.65 19.67 12.39
N GLU A 112 18.18 18.56 12.89
CA GLU A 112 19.29 17.89 12.23
C GLU A 112 19.27 16.40 12.51
N GLY A 114 21.90 13.12 13.25
CA GLY A 114 23.23 12.61 13.51
C GLY A 114 23.57 11.42 12.65
N GLU A 115 24.87 11.22 12.43
CA GLU A 115 25.35 10.11 11.62
C GLU A 115 24.78 8.78 12.09
N GLY A 116 24.38 8.72 13.37
CA GLY A 116 23.82 7.50 13.91
C GLY A 116 22.46 7.19 13.31
N LYS A 117 21.62 8.21 13.21
CA LYS A 117 20.28 8.03 12.64
C LYS A 117 20.41 7.71 11.17
N LEU A 118 21.13 8.57 10.45
CA LEU A 118 21.35 8.38 9.02
C LEU A 118 21.93 7.00 8.77
N ARG A 119 22.56 6.44 9.79
CA ARG A 119 23.18 5.12 9.71
C ARG A 119 22.11 4.04 9.75
N ARG A 120 21.24 4.11 10.75
CA ARG A 120 20.17 3.13 10.90
C ARG A 120 19.16 3.17 9.76
N LEU A 121 18.89 4.38 9.26
CA LEU A 121 17.94 4.54 8.15
C LEU A 121 18.48 3.80 6.94
N ARG A 122 19.78 3.96 6.68
CA ARG A 122 20.41 3.30 5.55
C ARG A 122 20.39 1.80 5.79
N ALA A 123 20.53 1.41 7.05
CA ALA A 123 20.50 0.01 7.40
C ALA A 123 19.10 -0.52 7.07
N VAL A 124 18.10 0.15 7.62
CA VAL A 124 16.70 -0.23 7.40
C VAL A 124 16.38 -0.28 5.91
N ALA A 125 16.89 0.69 5.16
CA ALA A 125 16.65 0.75 3.73
C ALA A 125 17.19 -0.50 3.05
N LEU A 126 18.50 -0.66 3.11
CA LEU A 126 19.19 -1.80 2.49
C LEU A 126 18.63 -3.15 2.93
N GLU A 127 17.82 -3.16 3.98
CA GLU A 127 17.22 -4.40 4.46
C GLU A 127 15.81 -4.53 3.88
N ALA A 128 15.08 -3.42 3.86
CA ALA A 128 13.71 -3.39 3.35
C ALA A 128 13.66 -3.76 1.87
N ALA A 129 14.68 -3.37 1.13
CA ALA A 129 14.75 -3.66 -0.29
C ALA A 129 15.00 -5.15 -0.45
N LYS A 130 15.91 -5.64 0.38
CA LYS A 130 16.29 -7.05 0.39
C LYS A 130 15.06 -7.91 0.69
N GLN A 131 14.28 -7.47 1.67
CA GLN A 131 13.07 -8.19 2.08
C GLN A 131 11.87 -7.93 1.17
N SER A 132 12.02 -7.02 0.21
CA SER A 132 10.91 -6.71 -0.69
C SER A 132 11.17 -7.27 -2.08
N GLY A 133 12.40 -7.71 -2.31
CA GLY A 133 12.76 -8.26 -3.61
C GLY A 133 13.63 -7.29 -4.37
N ARG A 134 13.54 -6.02 -4.03
CA ARG A 134 14.33 -4.99 -4.67
C ARG A 134 15.82 -5.28 -4.50
N VAL A 135 16.57 -5.06 -5.57
CA VAL A 135 18.01 -5.25 -5.55
C VAL A 135 18.60 -3.88 -5.30
N VAL A 136 17.93 -2.86 -5.84
CA VAL A 136 18.35 -1.47 -5.68
C VAL A 136 18.05 -1.03 -4.26
N VAL A 137 18.94 -0.23 -3.69
CA VAL A 137 18.77 0.28 -2.35
C VAL A 137 18.53 1.78 -2.37
N PRO A 138 17.37 2.23 -1.85
CA PRO A 138 17.03 3.65 -1.80
C PRO A 138 18.09 4.46 -1.08
N GLU A 139 18.43 5.62 -1.63
CA GLU A 139 19.43 6.48 -1.00
C GLU A 139 18.80 7.32 0.09
N VAL A 140 19.33 7.20 1.31
CA VAL A 140 18.85 7.98 2.43
C VAL A 140 19.93 9.01 2.66
N LEU A 141 19.69 10.23 2.19
CA LEU A 141 20.64 11.32 2.30
C LEU A 141 20.49 12.13 3.58
N PRO A 142 21.52 12.91 3.96
CA PRO A 142 21.46 13.73 5.16
C PRO A 142 20.39 14.79 5.00
N PRO A 143 19.74 15.19 6.10
CA PRO A 143 18.68 16.20 6.03
C PRO A 143 19.10 17.52 5.37
N ILE A 144 18.12 18.25 4.85
CA ILE A 144 18.35 19.54 4.19
C ILE A 144 17.10 20.40 4.37
N PRO A 145 17.21 21.70 4.06
CA PRO A 145 16.05 22.59 4.20
C PRO A 145 15.11 22.51 3.00
N LEU A 146 13.85 22.87 3.21
CA LEU A 146 12.87 22.85 2.13
C LEU A 146 13.41 23.62 0.92
N LYS A 147 13.90 24.83 1.17
CA LYS A 147 14.45 25.67 0.12
C LYS A 147 15.36 24.89 -0.83
N ALA A 148 15.99 23.85 -0.32
CA ALA A 148 16.90 23.03 -1.12
C ALA A 148 16.14 22.16 -2.12
N VAL A 149 14.90 21.80 -1.79
CA VAL A 149 14.08 20.99 -2.69
C VAL A 149 14.09 21.66 -4.05
N PRO A 150 14.74 21.04 -5.04
CA PRO A 150 14.85 21.56 -6.42
C PRO A 150 13.55 21.55 -7.21
N GLN A 151 13.67 21.88 -8.49
CA GLN A 151 12.53 21.88 -9.40
C GLN A 151 12.28 20.43 -9.75
N VAL A 152 11.02 20.05 -9.87
CA VAL A 152 10.69 18.67 -10.19
C VAL A 152 9.78 18.50 -11.39
N ALA A 153 10.14 17.59 -12.28
CA ALA A 153 9.36 17.31 -13.47
C ALA A 153 7.94 16.96 -13.05
N GLN A 154 7.82 16.46 -11.83
CA GLN A 154 6.53 16.08 -11.25
C GLN A 154 6.67 15.99 -9.74
N GLY A 155 5.76 16.63 -9.03
CA GLY A 155 5.81 16.60 -7.57
C GLY A 155 4.45 16.61 -6.92
N LEU A 156 4.26 15.73 -5.95
CA LEU A 156 3.00 15.65 -5.23
C LEU A 156 3.27 15.87 -3.74
N VAL A 157 2.55 16.82 -3.15
CA VAL A 157 2.71 17.12 -1.73
C VAL A 157 1.42 16.83 -0.97
N ALA A 158 1.47 15.81 -0.12
CA ALA A 158 0.31 15.45 0.67
C ALA A 158 -0.08 16.66 1.51
N HIS A 159 -1.17 17.32 1.13
CA HIS A 159 -1.60 18.50 1.85
C HIS A 159 -3.05 18.39 2.32
N VAL A 160 -3.25 18.42 3.64
CA VAL A 160 -4.58 18.32 4.21
C VAL A 160 -5.53 19.30 3.53
N GLY A 161 -5.03 20.47 3.18
CA GLY A 161 -5.85 21.47 2.54
C GLY A 161 -5.76 21.43 1.02
N ALA A 162 -6.25 20.35 0.42
CA ALA A 162 -6.22 20.20 -1.03
C ALA A 162 -7.53 19.59 -1.52
N THR A 163 -7.73 19.63 -2.84
CA THR A 163 -8.95 19.08 -3.42
C THR A 163 -8.64 18.14 -4.57
N ALA A 164 -7.36 17.99 -4.91
CA ALA A 164 -6.95 17.13 -6.00
C ALA A 164 -6.58 15.70 -5.57
N ARG A 165 -7.14 14.72 -6.26
CA ARG A 165 -6.85 13.32 -5.96
C ARG A 165 -5.54 13.00 -6.69
N VAL A 166 -4.77 12.08 -6.15
CA VAL A 166 -3.50 11.72 -6.77
C VAL A 166 -3.70 11.10 -8.15
N ARG A 167 -4.71 10.23 -8.27
CA ARG A 167 -4.99 9.57 -9.54
C ARG A 167 -5.52 10.53 -10.60
N GLU A 168 -5.60 11.80 -10.27
CA GLU A 168 -6.09 12.81 -11.20
C GLU A 168 -4.92 13.62 -11.75
N VAL A 169 -3.76 13.50 -11.13
CA VAL A 169 -2.58 14.24 -11.53
C VAL A 169 -1.38 13.36 -11.86
N LEU A 170 -1.26 12.25 -11.15
CA LEU A 170 -0.15 11.32 -11.34
C LEU A 170 0.14 10.95 -12.79
N ASP A 171 1.36 11.27 -13.23
CA ASP A 171 1.81 10.97 -14.58
C ASP A 171 2.83 9.86 -14.46
N PRO A 172 2.40 8.61 -14.70
CA PRO A 172 3.28 7.43 -14.61
C PRO A 172 4.58 7.47 -15.41
N GLU A 173 4.58 8.15 -16.54
CA GLU A 173 5.78 8.21 -17.37
C GLU A 173 6.86 9.14 -16.87
N LYS A 174 6.49 10.16 -16.09
CA LYS A 174 7.48 11.11 -15.58
C LYS A 174 7.93 10.72 -14.18
N PRO A 175 9.15 11.11 -13.80
CA PRO A 175 9.68 10.79 -12.46
C PRO A 175 8.73 11.30 -11.39
N LEU A 176 8.93 10.85 -10.15
CA LEU A 176 8.03 11.28 -9.08
C LEU A 176 8.74 11.91 -7.89
N ALA A 177 8.12 12.95 -7.35
CA ALA A 177 8.64 13.66 -6.19
C ALA A 177 7.49 13.78 -5.20
N LEU A 178 7.70 13.28 -3.99
CA LEU A 178 6.66 13.33 -2.97
C LEU A 178 7.11 14.21 -1.80
N ALA A 179 6.15 14.69 -1.02
CA ALA A 179 6.46 15.54 0.12
C ALA A 179 5.41 15.43 1.21
N VAL A 180 5.87 15.12 2.42
CA VAL A 180 4.99 14.99 3.59
C VAL A 180 5.48 15.95 4.67
N GLY A 181 4.54 16.51 5.44
CA GLY A 181 4.90 17.43 6.49
C GLY A 181 5.14 16.75 7.83
N PRO A 182 5.93 17.36 8.72
CA PRO A 182 6.23 16.78 10.04
C PRO A 182 4.98 16.59 10.89
N GLU A 183 5.17 16.24 12.16
CA GLU A 183 4.05 16.03 13.06
C GLU A 183 3.17 17.27 13.10
N GLY A 184 3.81 18.44 12.98
CA GLY A 184 3.07 19.69 12.97
C GLY A 184 2.52 19.92 11.57
N GLY A 185 3.38 19.72 10.57
CA GLY A 185 2.97 19.91 9.19
C GLY A 185 3.72 21.02 8.49
N PHE A 186 3.46 21.18 7.21
CA PHE A 186 4.10 22.23 6.41
C PHE A 186 3.42 23.56 6.70
N ALA A 187 4.21 24.62 6.76
CA ALA A 187 3.68 25.95 7.01
C ALA A 187 3.05 26.46 5.72
N GLU A 188 1.98 27.24 5.84
CA GLU A 188 1.28 27.78 4.68
C GLU A 188 2.29 28.33 3.68
N GLU A 189 3.35 28.95 4.19
CA GLU A 189 4.41 29.50 3.34
C GLU A 189 5.26 28.39 2.75
N GLU A 190 5.48 27.33 3.52
CA GLU A 190 6.27 26.20 3.07
C GLU A 190 5.57 25.47 1.93
N VAL A 191 4.28 25.18 2.12
CA VAL A 191 3.50 24.49 1.11
C VAL A 191 3.68 25.18 -0.23
N ALA A 192 3.06 26.35 -0.37
CA ALA A 192 3.14 27.13 -1.61
C ALA A 192 4.56 27.22 -2.13
N LEU A 193 5.53 27.31 -1.22
CA LEU A 193 6.93 27.40 -1.60
C LEU A 193 7.32 26.15 -2.39
N LEU A 194 6.74 25.01 -2.00
CA LEU A 194 7.01 23.75 -2.69
C LEU A 194 6.28 23.72 -4.02
N GLU A 195 5.06 24.26 -4.04
CA GLU A 195 4.28 24.32 -5.28
C GLU A 195 5.09 25.08 -6.32
N ALA A 196 5.93 25.99 -5.84
CA ALA A 196 6.79 26.79 -6.71
C ALA A 196 7.98 25.97 -7.19
N ARG A 197 8.04 24.71 -6.76
CA ARG A 197 9.12 23.81 -7.14
C ARG A 197 8.56 22.78 -8.11
N GLY A 198 7.23 22.78 -8.25
CA GLY A 198 6.58 21.85 -9.15
C GLY A 198 5.71 20.84 -8.42
N PHE A 199 5.44 21.10 -7.14
CA PHE A 199 4.63 20.20 -6.34
C PHE A 199 3.15 20.54 -6.34
N THR A 200 2.33 19.59 -6.77
CA THR A 200 0.88 19.74 -6.83
C THR A 200 0.26 19.21 -5.55
N PRO A 201 -0.51 20.04 -4.84
CA PRO A 201 -1.14 19.58 -3.59
C PRO A 201 -2.06 18.39 -3.85
N VAL A 202 -2.07 17.45 -2.91
CA VAL A 202 -2.91 16.27 -3.04
C VAL A 202 -3.53 15.88 -1.71
N SER A 203 -4.75 15.38 -1.75
CA SER A 203 -5.46 14.96 -0.56
C SER A 203 -5.31 13.45 -0.32
N LEU A 204 -5.20 13.09 0.96
CA LEU A 204 -5.07 11.68 1.34
C LEU A 204 -6.26 11.29 2.18
N GLY A 205 -7.43 11.81 1.83
CA GLY A 205 -8.64 11.49 2.57
C GLY A 205 -9.15 12.66 3.39
N ARG A 206 -10.20 12.40 4.16
CA ARG A 206 -10.82 13.43 5.00
C ARG A 206 -10.50 13.28 6.49
N ARG A 207 -9.41 12.59 6.79
CA ARG A 207 -8.99 12.37 8.17
C ARG A 207 -7.52 12.74 8.33
N ILE A 208 -7.16 13.20 9.52
CA ILE A 208 -5.78 13.58 9.80
C ILE A 208 -4.94 12.31 9.83
N LEU A 209 -3.76 12.36 9.21
CA LEU A 209 -2.90 11.19 9.17
C LEU A 209 -1.50 11.51 9.66
N ARG A 210 -0.92 10.58 10.42
CA ARG A 210 0.43 10.77 10.92
C ARG A 210 1.37 10.90 9.73
N ALA A 211 2.49 11.58 9.93
CA ALA A 211 3.48 11.77 8.86
C ALA A 211 3.85 10.44 8.23
N GLU A 212 3.94 9.40 9.04
CA GLU A 212 4.30 8.07 8.56
C GLU A 212 3.19 7.49 7.68
N THR A 213 1.95 7.50 8.18
CA THR A 213 0.82 6.98 7.43
C THR A 213 0.61 7.78 6.15
N ALA A 214 1.01 9.06 6.19
CA ALA A 214 0.86 9.95 5.05
C ALA A 214 1.83 9.59 3.94
N ALA A 215 3.08 9.33 4.32
CA ALA A 215 4.11 8.96 3.35
C ALA A 215 3.79 7.62 2.71
N LEU A 216 3.21 6.72 3.50
CA LEU A 216 2.84 5.39 3.01
C LEU A 216 1.67 5.54 2.04
N ALA A 217 0.64 6.25 2.47
CA ALA A 217 -0.54 6.48 1.65
C ALA A 217 -0.16 7.07 0.31
N LEU A 218 0.57 8.19 0.35
CA LEU A 218 0.99 8.85 -0.87
C LEU A 218 1.77 7.89 -1.76
N LEU A 219 2.80 7.27 -1.21
CA LEU A 219 3.62 6.32 -1.97
C LEU A 219 2.79 5.21 -2.61
N ALA A 220 1.95 4.56 -1.80
CA ALA A 220 1.12 3.47 -2.29
C ALA A 220 0.22 3.87 -3.46
N LEU A 221 -0.23 5.12 -3.47
CA LEU A 221 -1.11 5.62 -4.53
C LEU A 221 -0.36 5.93 -5.82
N CYS A 222 0.96 5.96 -5.76
CA CYS A 222 1.76 6.28 -6.94
C CYS A 222 2.50 5.08 -7.51
N THR A 223 2.55 4.01 -6.74
CA THR A 223 3.22 2.79 -7.17
C THR A 223 2.30 1.58 -6.99
N ALA A 224 2.19 1.10 -5.76
CA ALA A 224 1.35 -0.05 -5.45
C ALA A 224 -0.03 0.08 -6.09
N GLY A 225 -0.50 1.31 -6.22
CA GLY A 225 -1.80 1.54 -6.81
C GLY A 225 -1.79 1.22 -8.30
N GLU A 226 -0.77 1.73 -8.98
CA GLU A 226 -0.62 1.53 -10.41
C GLU A 226 -0.07 0.14 -10.73
N GLY A 227 0.10 -0.67 -9.69
CA GLY A 227 0.62 -2.01 -9.87
C GLY A 227 2.04 -2.07 -10.37
N ARG A 228 2.85 -1.07 -10.00
CA ARG A 228 4.23 -1.04 -10.43
C ARG A 228 5.18 -0.96 -9.25
N LEU B 55 -19.04 33.71 -8.81
CA LEU B 55 -20.25 33.26 -8.08
C LEU B 55 -20.16 33.63 -6.61
N ARG B 56 -21.24 34.17 -6.06
CA ARG B 56 -21.28 34.58 -4.67
C ARG B 56 -22.03 33.57 -3.82
N TYR B 57 -21.30 32.86 -2.96
CA TYR B 57 -21.93 31.88 -2.08
C TYR B 57 -22.07 32.51 -0.70
N ARG B 58 -22.95 31.97 0.13
CA ARG B 58 -23.15 32.51 1.46
C ARG B 58 -23.21 31.45 2.53
N VAL B 59 -22.41 31.63 3.58
CA VAL B 59 -22.35 30.68 4.68
C VAL B 59 -23.71 30.62 5.39
N LEU B 60 -24.56 29.70 4.93
CA LEU B 60 -25.89 29.53 5.51
C LEU B 60 -25.74 28.80 6.84
N GLU B 61 -24.62 28.12 7.00
CA GLU B 61 -24.34 27.35 8.21
C GLU B 61 -22.94 26.75 8.18
N GLU B 62 -22.31 26.66 9.34
CA GLU B 62 -20.98 26.10 9.45
C GLU B 62 -21.07 24.79 10.25
N ARG B 63 -20.05 23.95 10.14
CA ARG B 63 -20.04 22.68 10.87
C ARG B 63 -18.74 21.91 10.68
N ARG B 64 -18.55 20.91 11.54
CA ARG B 64 -17.35 20.07 11.50
C ARG B 64 -17.27 19.28 10.21
N PRO B 65 -16.13 19.37 9.50
CA PRO B 65 -15.91 18.67 8.24
C PRO B 65 -16.13 17.16 8.37
N GLU B 66 -16.77 16.57 7.36
CA GLU B 66 -17.02 15.14 7.35
C GLU B 66 -15.71 14.38 7.53
N ARG B 67 -15.71 13.36 8.38
CA ARG B 67 -14.49 12.60 8.64
C ARG B 67 -14.59 11.13 8.23
N GLU B 68 -15.80 10.67 7.91
CA GLU B 68 -15.99 9.29 7.51
C GLU B 68 -15.84 9.07 6.01
N VAL B 69 -15.49 7.85 5.64
CA VAL B 69 -15.29 7.50 4.22
C VAL B 69 -16.59 7.54 3.43
N GLY B 70 -17.72 7.48 4.13
CA GLY B 70 -19.01 7.51 3.46
C GLY B 70 -19.64 6.13 3.38
N VAL B 71 -18.89 5.16 2.89
CA VAL B 71 -19.40 3.79 2.77
C VAL B 71 -18.79 2.94 3.89
N GLU B 72 -19.21 1.69 3.96
CA GLU B 72 -18.70 0.78 4.97
C GLU B 72 -17.41 0.13 4.49
N VAL B 73 -16.35 0.25 5.29
CA VAL B 73 -15.06 -0.34 4.94
C VAL B 73 -14.68 -1.39 5.97
N VAL B 74 -14.67 -2.64 5.56
CA VAL B 74 -14.33 -3.75 6.44
C VAL B 74 -13.03 -4.42 6.03
N LEU B 75 -12.02 -4.29 6.88
CA LEU B 75 -10.71 -4.88 6.62
C LEU B 75 -10.58 -6.27 7.25
N TYR B 76 -10.67 -7.30 6.42
CA TYR B 76 -10.55 -8.67 6.89
C TYR B 76 -9.07 -9.04 6.88
N VAL B 77 -8.35 -8.64 7.93
CA VAL B 77 -6.93 -8.91 8.03
C VAL B 77 -6.66 -10.06 8.99
N ALA B 78 -5.80 -10.98 8.59
CA ALA B 78 -5.46 -12.13 9.40
C ALA B 78 -4.51 -11.76 10.54
N LEU B 79 -4.68 -12.41 11.69
CA LEU B 79 -3.83 -12.15 12.84
C LEU B 79 -2.39 -12.27 12.34
N LEU B 80 -1.48 -11.54 12.97
CA LEU B 80 -0.09 -11.58 12.53
C LEU B 80 0.90 -11.84 13.65
N LYS B 81 2.14 -12.16 13.26
CA LYS B 81 3.21 -12.42 14.21
C LYS B 81 3.53 -11.14 14.97
N GLY B 82 4.28 -11.26 16.06
CA GLY B 82 4.64 -10.09 16.85
C GLY B 82 3.45 -9.23 17.21
N ASP B 83 3.70 -7.94 17.43
CA ASP B 83 2.63 -7.00 17.79
C ASP B 83 2.26 -6.16 16.56
N LYS B 84 2.71 -6.61 15.40
CA LYS B 84 2.45 -5.94 14.14
C LYS B 84 0.98 -5.58 13.94
N LEU B 85 0.10 -6.56 14.14
CA LEU B 85 -1.33 -6.36 13.97
C LEU B 85 -1.82 -5.10 14.68
N ALA B 86 -1.11 -4.70 15.73
CA ALA B 86 -1.49 -3.51 16.48
C ALA B 86 -1.32 -2.25 15.65
N GLU B 87 -0.15 -2.10 15.02
CA GLU B 87 0.12 -0.93 14.19
C GLU B 87 -0.86 -0.85 13.04
N VAL B 88 -1.31 -2.00 12.56
CA VAL B 88 -2.26 -2.05 11.45
C VAL B 88 -3.61 -1.48 11.84
N VAL B 89 -4.05 -1.79 13.05
CA VAL B 89 -5.34 -1.29 13.54
C VAL B 89 -5.33 0.23 13.60
N ARG B 90 -4.22 0.80 14.08
CA ARG B 90 -4.10 2.24 14.19
C ARG B 90 -4.17 2.89 12.80
N ALA B 91 -3.16 2.64 11.99
CA ALA B 91 -3.11 3.20 10.64
C ALA B 91 -4.41 2.93 9.89
N ALA B 92 -5.01 1.76 10.13
CA ALA B 92 -6.25 1.39 9.46
C ALA B 92 -7.40 2.26 9.95
N THR B 93 -7.35 2.65 11.23
CA THR B 93 -8.38 3.48 11.82
C THR B 93 -8.35 4.87 11.21
N GLU B 94 -7.16 5.45 11.12
CA GLU B 94 -7.00 6.78 10.55
C GLU B 94 -7.19 6.81 9.04
N LEU B 95 -7.22 5.63 8.42
CA LEU B 95 -7.40 5.56 6.99
C LEU B 95 -8.86 5.44 6.58
N GLY B 96 -9.75 5.50 7.56
CA GLY B 96 -11.18 5.43 7.25
C GLY B 96 -11.91 4.16 7.59
N ALA B 97 -11.18 3.08 7.83
CA ALA B 97 -11.79 1.80 8.17
C ALA B 97 -12.91 1.98 9.20
N THR B 98 -13.93 1.14 9.13
CA THR B 98 -15.03 1.21 10.07
C THR B 98 -15.23 -0.12 10.77
N ARG B 99 -14.63 -1.17 10.21
CA ARG B 99 -14.75 -2.50 10.77
C ARG B 99 -13.49 -3.32 10.49
N ILE B 100 -12.76 -3.68 11.55
CA ILE B 100 -11.55 -4.48 11.39
C ILE B 100 -11.88 -5.90 11.86
N GLN B 101 -11.94 -6.82 10.90
CA GLN B 101 -12.25 -8.22 11.20
C GLN B 101 -11.06 -9.14 11.09
N PRO B 102 -10.39 -9.42 12.23
CA PRO B 102 -9.22 -10.30 12.28
C PRO B 102 -9.54 -11.70 11.76
N LEU B 103 -8.57 -12.35 11.14
CA LEU B 103 -8.79 -13.68 10.60
C LEU B 103 -7.70 -14.68 10.98
N VAL B 104 -8.07 -15.95 10.95
CA VAL B 104 -7.15 -17.04 11.27
C VAL B 104 -7.04 -17.85 9.99
N THR B 105 -5.85 -17.89 9.40
CA THR B 105 -5.64 -18.62 8.16
C THR B 105 -4.62 -19.74 8.25
N ARG B 106 -4.56 -20.54 7.18
CA ARG B 106 -3.65 -21.66 7.08
C ARG B 106 -2.22 -21.32 7.49
N HIS B 107 -1.78 -20.12 7.20
CA HIS B 107 -0.42 -19.69 7.53
C HIS B 107 -0.31 -18.75 8.72
N SER B 108 -1.43 -18.13 9.11
CA SER B 108 -1.40 -17.21 10.24
C SER B 108 -0.90 -17.94 11.48
N VAL B 109 0.30 -17.60 11.94
CA VAL B 109 0.88 -18.24 13.12
C VAL B 109 -0.12 -18.28 14.27
N PRO B 110 -0.66 -17.12 14.66
CA PRO B 110 -1.64 -17.10 15.76
C PRO B 110 -2.95 -17.74 15.32
N LYS B 111 -3.73 -18.23 16.28
CA LYS B 111 -5.00 -18.87 15.94
C LYS B 111 -6.17 -18.30 16.73
N GLU B 112 -5.88 -17.41 17.68
CA GLU B 112 -6.92 -16.79 18.48
C GLU B 112 -6.40 -15.52 19.15
N GLY B 114 -7.06 -13.22 23.19
CA GLY B 114 -7.83 -12.98 24.40
C GLY B 114 -8.12 -11.50 24.55
N GLU B 115 -9.12 -11.16 25.36
CA GLU B 115 -9.46 -9.75 25.55
C GLU B 115 -8.24 -8.96 26.00
N GLY B 116 -7.24 -9.68 26.50
CA GLY B 116 -6.03 -9.01 26.94
C GLY B 116 -5.44 -8.23 25.78
N LYS B 117 -5.18 -8.92 24.68
CA LYS B 117 -4.63 -8.30 23.48
C LYS B 117 -5.71 -7.62 22.66
N LEU B 118 -6.95 -8.09 22.79
CA LEU B 118 -8.07 -7.52 22.06
C LEU B 118 -8.41 -6.14 22.60
N ARG B 119 -8.54 -6.02 23.91
CA ARG B 119 -8.86 -4.74 24.53
C ARG B 119 -7.76 -3.75 24.14
N ARG B 120 -6.56 -4.28 23.90
CA ARG B 120 -5.43 -3.47 23.49
C ARG B 120 -5.75 -2.82 22.15
N LEU B 121 -6.07 -3.65 21.17
CA LEU B 121 -6.41 -3.16 19.84
C LEU B 121 -7.48 -2.09 19.95
N ARG B 122 -8.65 -2.46 20.47
CA ARG B 122 -9.76 -1.54 20.63
C ARG B 122 -9.36 -0.28 21.38
N ALA B 123 -8.27 -0.35 22.13
CA ALA B 123 -7.78 0.80 22.89
C ALA B 123 -6.95 1.68 21.96
N VAL B 124 -6.28 1.04 21.01
CA VAL B 124 -5.44 1.75 20.04
C VAL B 124 -6.31 2.30 18.92
N ALA B 125 -7.36 1.54 18.57
CA ALA B 125 -8.28 1.93 17.52
C ALA B 125 -9.08 3.15 17.97
N LEU B 126 -9.53 3.11 19.22
CA LEU B 126 -10.30 4.20 19.79
C LEU B 126 -9.41 5.42 19.93
N GLU B 127 -8.21 5.22 20.46
CA GLU B 127 -7.26 6.31 20.62
C GLU B 127 -6.95 6.94 19.26
N ALA B 128 -6.56 6.11 18.31
CA ALA B 128 -6.25 6.58 16.97
C ALA B 128 -7.39 7.42 16.43
N ALA B 129 -8.62 6.93 16.61
CA ALA B 129 -9.80 7.63 16.15
C ALA B 129 -9.75 9.08 16.60
N LYS B 130 -9.57 9.28 17.91
CA LYS B 130 -9.50 10.62 18.49
C LYS B 130 -8.37 11.41 17.84
N GLN B 131 -7.29 10.72 17.52
CA GLN B 131 -6.12 11.33 16.90
C GLN B 131 -6.43 11.81 15.48
N SER B 132 -7.06 10.95 14.69
CA SER B 132 -7.39 11.28 13.31
C SER B 132 -8.52 12.29 13.19
N GLY B 133 -9.27 12.47 14.27
CA GLY B 133 -10.37 13.43 14.24
C GLY B 133 -11.69 12.79 13.86
N ARG B 134 -11.80 11.49 14.13
CA ARG B 134 -13.02 10.76 13.82
C ARG B 134 -13.92 10.68 15.04
N VAL B 135 -15.23 10.59 14.80
CA VAL B 135 -16.19 10.48 15.89
C VAL B 135 -16.83 9.09 15.80
N VAL B 136 -16.27 8.28 14.92
CA VAL B 136 -16.75 6.92 14.71
C VAL B 136 -15.58 5.97 14.95
N VAL B 137 -15.63 5.22 16.04
CA VAL B 137 -14.58 4.27 16.38
C VAL B 137 -14.75 2.97 15.62
N PRO B 138 -13.70 2.52 14.92
CA PRO B 138 -13.75 1.26 14.16
C PRO B 138 -14.14 0.11 15.09
N GLU B 139 -14.76 -0.92 14.53
CA GLU B 139 -15.17 -2.07 15.32
C GLU B 139 -14.16 -3.21 15.22
N VAL B 140 -13.32 -3.35 16.23
CA VAL B 140 -12.32 -4.41 16.26
C VAL B 140 -12.94 -5.66 16.85
N LEU B 141 -13.57 -6.45 16.00
CA LEU B 141 -14.23 -7.69 16.42
C LEU B 141 -13.24 -8.82 16.65
N PRO B 142 -13.67 -9.88 17.35
CA PRO B 142 -12.80 -11.03 17.64
C PRO B 142 -12.50 -11.83 16.36
N PRO B 143 -11.34 -12.50 16.32
CA PRO B 143 -10.93 -13.31 15.16
C PRO B 143 -11.91 -14.40 14.74
N ILE B 144 -11.95 -14.66 13.44
CA ILE B 144 -12.83 -15.68 12.86
C ILE B 144 -12.11 -16.43 11.75
N PRO B 145 -12.61 -17.62 11.39
CA PRO B 145 -12.02 -18.45 10.33
C PRO B 145 -12.08 -17.80 8.94
N LEU B 146 -11.06 -18.07 8.13
CA LEU B 146 -11.01 -17.53 6.77
C LEU B 146 -12.28 -17.90 6.02
N LYS B 147 -12.87 -19.02 6.41
CA LYS B 147 -14.10 -19.50 5.79
C LYS B 147 -15.31 -18.80 6.40
N ALA B 148 -15.15 -18.35 7.65
CA ALA B 148 -16.22 -17.67 8.36
C ALA B 148 -16.55 -16.32 7.72
N VAL B 149 -15.74 -15.91 6.76
CA VAL B 149 -15.97 -14.64 6.07
C VAL B 149 -17.17 -14.79 5.14
N PRO B 150 -18.21 -13.97 5.34
CA PRO B 150 -19.42 -14.01 4.53
C PRO B 150 -19.24 -13.46 3.11
N GLN B 151 -20.35 -13.38 2.38
CA GLN B 151 -20.35 -12.87 1.01
C GLN B 151 -20.36 -11.35 1.07
N VAL B 152 -19.71 -10.72 0.10
CA VAL B 152 -19.66 -9.26 0.07
C VAL B 152 -20.11 -8.70 -1.27
N ALA B 153 -20.80 -7.57 -1.24
CA ALA B 153 -21.27 -6.92 -2.46
C ALA B 153 -20.06 -6.49 -3.27
N GLN B 154 -19.01 -6.07 -2.57
CA GLN B 154 -17.77 -5.63 -3.21
C GLN B 154 -16.61 -6.04 -2.33
N GLY B 155 -15.68 -6.80 -2.90
CA GLY B 155 -14.53 -7.25 -2.13
C GLY B 155 -13.21 -7.06 -2.85
N LEU B 156 -12.19 -6.67 -2.10
CA LEU B 156 -10.87 -6.47 -2.66
C LEU B 156 -9.83 -7.22 -1.84
N VAL B 157 -9.13 -8.14 -2.49
CA VAL B 157 -8.09 -8.93 -1.82
C VAL B 157 -6.76 -8.76 -2.53
N ALA B 158 -5.72 -8.42 -1.77
CA ALA B 158 -4.40 -8.23 -2.33
C ALA B 158 -3.79 -9.56 -2.76
N HIS B 159 -3.62 -9.74 -4.07
CA HIS B 159 -3.06 -10.98 -4.61
C HIS B 159 -1.85 -10.69 -5.49
N VAL B 160 -0.68 -11.12 -5.05
CA VAL B 160 0.56 -10.89 -5.79
C VAL B 160 0.49 -11.34 -7.26
N GLY B 161 -0.48 -12.20 -7.57
CA GLY B 161 -0.62 -12.68 -8.93
C GLY B 161 -1.83 -12.13 -9.65
N ALA B 162 -2.01 -10.81 -9.59
CA ALA B 162 -3.14 -10.17 -10.25
C ALA B 162 -2.66 -8.99 -11.07
N THR B 163 -3.55 -8.44 -11.89
CA THR B 163 -3.22 -7.30 -12.75
C THR B 163 -4.25 -6.20 -12.57
N ALA B 164 -5.40 -6.56 -12.00
CA ALA B 164 -6.46 -5.59 -11.78
C ALA B 164 -6.03 -4.57 -10.75
N ARG B 165 -6.09 -3.30 -11.12
CA ARG B 165 -5.73 -2.22 -10.22
C ARG B 165 -6.98 -1.85 -9.44
N VAL B 166 -6.79 -1.34 -8.22
CA VAL B 166 -7.91 -0.96 -7.39
C VAL B 166 -8.79 0.12 -8.03
N ARG B 167 -8.18 1.01 -8.80
CA ARG B 167 -8.94 2.08 -9.45
C ARG B 167 -9.55 1.60 -10.77
N GLU B 168 -9.60 0.29 -10.94
CA GLU B 168 -10.18 -0.31 -12.14
C GLU B 168 -11.27 -1.28 -11.70
N VAL B 169 -11.38 -1.47 -10.40
CA VAL B 169 -12.37 -2.39 -9.84
C VAL B 169 -13.21 -1.70 -8.76
N LEU B 170 -12.59 -0.78 -8.04
CA LEU B 170 -13.25 -0.06 -6.95
C LEU B 170 -14.54 0.66 -7.35
N ASP B 171 -15.51 0.60 -6.45
CA ASP B 171 -16.81 1.26 -6.63
C ASP B 171 -17.01 2.09 -5.37
N PRO B 172 -16.67 3.39 -5.44
CA PRO B 172 -16.82 4.29 -4.28
C PRO B 172 -18.20 4.27 -3.64
N GLU B 173 -19.23 4.18 -4.47
CA GLU B 173 -20.61 4.17 -3.99
C GLU B 173 -20.97 2.97 -3.11
N LYS B 174 -20.70 1.76 -3.62
CA LYS B 174 -21.00 0.53 -2.87
C LYS B 174 -20.11 0.40 -1.64
N PRO B 175 -20.53 -0.42 -0.67
CA PRO B 175 -19.73 -0.62 0.54
C PRO B 175 -18.46 -1.36 0.12
N LEU B 176 -17.48 -1.46 1.00
CA LEU B 176 -16.24 -2.13 0.61
C LEU B 176 -15.67 -3.09 1.66
N ALA B 177 -15.15 -4.21 1.17
CA ALA B 177 -14.55 -5.21 2.03
C ALA B 177 -13.13 -5.45 1.53
N LEU B 178 -12.17 -5.39 2.45
CA LEU B 178 -10.77 -5.58 2.09
C LEU B 178 -10.20 -6.81 2.80
N ALA B 179 -9.37 -7.56 2.09
CA ALA B 179 -8.77 -8.76 2.65
C ALA B 179 -7.27 -8.81 2.43
N VAL B 180 -6.53 -9.20 3.48
CA VAL B 180 -5.08 -9.31 3.40
C VAL B 180 -4.64 -10.53 4.22
N GLY B 181 -3.69 -11.29 3.67
CA GLY B 181 -3.20 -12.48 4.36
C GLY B 181 -2.07 -12.18 5.34
N PRO B 182 -1.56 -13.21 6.05
CA PRO B 182 -0.46 -13.05 7.01
C PRO B 182 0.90 -13.04 6.33
N GLU B 183 1.96 -13.12 7.13
CA GLU B 183 3.32 -13.12 6.59
C GLU B 183 3.47 -14.20 5.53
N GLY B 184 2.71 -15.28 5.68
CA GLY B 184 2.77 -16.37 4.71
C GLY B 184 1.69 -16.21 3.65
N GLY B 185 1.00 -15.09 3.70
CA GLY B 185 -0.06 -14.81 2.73
C GLY B 185 -1.15 -15.86 2.72
N PHE B 186 -2.16 -15.64 1.87
CA PHE B 186 -3.27 -16.56 1.74
C PHE B 186 -2.84 -17.75 0.88
N ALA B 187 -3.66 -18.79 0.85
CA ALA B 187 -3.37 -19.97 0.06
C ALA B 187 -4.24 -19.96 -1.19
N GLU B 188 -3.78 -20.61 -2.26
CA GLU B 188 -4.52 -20.66 -3.51
C GLU B 188 -5.98 -21.09 -3.39
N GLU B 189 -6.34 -21.76 -2.30
CA GLU B 189 -7.73 -22.19 -2.13
C GLU B 189 -8.46 -21.16 -1.27
N GLU B 190 -7.70 -20.43 -0.46
CA GLU B 190 -8.27 -19.39 0.39
C GLU B 190 -8.57 -18.21 -0.51
N VAL B 191 -7.72 -18.03 -1.52
CA VAL B 191 -7.87 -16.95 -2.49
C VAL B 191 -9.07 -17.27 -3.38
N ALA B 192 -9.19 -18.54 -3.76
CA ALA B 192 -10.29 -18.99 -4.60
C ALA B 192 -11.57 -18.93 -3.79
N LEU B 193 -11.44 -19.11 -2.47
CA LEU B 193 -12.59 -19.08 -1.58
C LEU B 193 -13.08 -17.63 -1.48
N LEU B 194 -12.13 -16.70 -1.32
CA LEU B 194 -12.46 -15.29 -1.23
C LEU B 194 -13.01 -14.80 -2.57
N GLU B 195 -12.42 -15.31 -3.65
CA GLU B 195 -12.86 -14.96 -4.99
C GLU B 195 -14.32 -15.36 -5.13
N ALA B 196 -14.65 -16.51 -4.55
CA ALA B 196 -16.01 -17.04 -4.57
C ALA B 196 -16.92 -16.21 -3.68
N ARG B 197 -16.32 -15.43 -2.79
CA ARG B 197 -17.09 -14.57 -1.89
C ARG B 197 -17.38 -13.25 -2.58
N GLY B 198 -16.60 -12.93 -3.60
CA GLY B 198 -16.80 -11.69 -4.32
C GLY B 198 -15.56 -10.82 -4.31
N PHE B 199 -14.56 -11.22 -3.52
CA PHE B 199 -13.32 -10.46 -3.43
C PHE B 199 -12.54 -10.54 -4.73
N THR B 200 -12.30 -9.40 -5.35
CA THR B 200 -11.58 -9.34 -6.60
C THR B 200 -10.08 -9.18 -6.40
N PRO B 201 -9.30 -10.12 -6.95
CA PRO B 201 -7.84 -10.05 -6.81
C PRO B 201 -7.33 -8.74 -7.40
N VAL B 202 -6.52 -8.01 -6.62
CA VAL B 202 -5.97 -6.74 -7.07
C VAL B 202 -4.47 -6.69 -6.82
N SER B 203 -3.75 -6.07 -7.76
CA SER B 203 -2.31 -5.95 -7.65
C SER B 203 -1.90 -4.78 -6.75
N LEU B 204 -0.78 -4.93 -6.08
CA LEU B 204 -0.27 -3.89 -5.20
C LEU B 204 1.20 -3.62 -5.50
N GLY B 205 1.55 -3.63 -6.78
CA GLY B 205 2.92 -3.37 -7.16
C GLY B 205 3.68 -4.62 -7.56
N ARG B 206 4.93 -4.44 -7.96
CA ARG B 206 5.79 -5.53 -8.38
C ARG B 206 6.85 -5.86 -7.33
N ARG B 207 6.53 -5.57 -6.07
CA ARG B 207 7.44 -5.85 -4.95
C ARG B 207 6.68 -6.48 -3.81
N ILE B 208 7.38 -7.27 -2.99
CA ILE B 208 6.76 -7.93 -1.85
C ILE B 208 6.54 -6.96 -0.70
N LEU B 209 5.26 -6.76 -0.35
CA LEU B 209 4.90 -5.84 0.73
C LEU B 209 4.53 -6.61 2.00
N ARG B 210 5.00 -6.13 3.14
CA ARG B 210 4.69 -6.77 4.41
C ARG B 210 3.18 -6.94 4.53
N ALA B 211 2.75 -7.75 5.49
CA ALA B 211 1.33 -7.98 5.69
C ALA B 211 0.65 -6.68 6.10
N GLU B 212 1.38 -5.88 6.88
CA GLU B 212 0.85 -4.60 7.36
C GLU B 212 0.81 -3.58 6.23
N THR B 213 1.92 -3.45 5.51
CA THR B 213 2.03 -2.52 4.40
C THR B 213 0.96 -2.74 3.34
N ALA B 214 0.69 -4.01 3.04
CA ALA B 214 -0.31 -4.35 2.04
C ALA B 214 -1.70 -3.90 2.47
N ALA B 215 -2.04 -4.17 3.72
CA ALA B 215 -3.34 -3.80 4.27
C ALA B 215 -3.54 -2.28 4.25
N LEU B 216 -2.53 -1.55 4.70
CA LEU B 216 -2.60 -0.09 4.72
C LEU B 216 -2.59 0.48 3.30
N ALA B 217 -1.76 -0.09 2.44
CA ALA B 217 -1.68 0.37 1.05
C ALA B 217 -3.00 0.15 0.34
N LEU B 218 -3.62 -1.00 0.60
CA LEU B 218 -4.90 -1.33 -0.03
C LEU B 218 -6.01 -0.41 0.48
N LEU B 219 -6.06 -0.24 1.80
CA LEU B 219 -7.07 0.60 2.42
C LEU B 219 -6.95 2.05 1.94
N ALA B 220 -5.72 2.49 1.69
CA ALA B 220 -5.47 3.85 1.24
C ALA B 220 -6.07 4.10 -0.15
N LEU B 221 -5.83 3.17 -1.06
CA LEU B 221 -6.34 3.29 -2.42
C LEU B 221 -7.86 3.41 -2.47
N CYS B 222 -8.52 3.01 -1.38
CA CYS B 222 -9.98 3.05 -1.31
C CYS B 222 -10.52 4.24 -0.52
N THR B 223 -9.64 4.94 0.19
CA THR B 223 -10.05 6.10 0.97
C THR B 223 -9.25 7.33 0.59
N ALA B 224 -7.98 7.35 1.01
CA ALA B 224 -7.11 8.47 0.70
C ALA B 224 -7.04 8.68 -0.81
N GLY B 225 -7.15 7.58 -1.55
CA GLY B 225 -7.08 7.66 -3.00
C GLY B 225 -8.27 8.34 -3.63
N GLU B 226 -9.46 8.08 -3.09
CA GLU B 226 -10.68 8.69 -3.59
C GLU B 226 -10.96 10.02 -2.90
N GLY B 227 -9.97 10.48 -2.14
CA GLY B 227 -10.12 11.75 -1.44
C GLY B 227 -11.23 11.76 -0.41
N ARG B 228 -11.45 10.63 0.25
CA ARG B 228 -12.49 10.54 1.27
C ARG B 228 -11.94 9.93 2.56
#